data_3DTK
#
_entry.id   3DTK
#
_cell.length_a   87.260
_cell.length_b   52.672
_cell.length_c   63.221
_cell.angle_alpha   90.00
_cell.angle_beta   90.00
_cell.angle_gamma   90.00
#
_symmetry.space_group_name_H-M   'P 21 21 2'
#
loop_
_entity.id
_entity.type
_entity.pdbx_description
1 polymer 'IRRE PROTEIN'
2 non-polymer 'CHLORIDE ION'
3 non-polymer 'ZINC ION'
#
_entity_poly.entity_id   1
_entity_poly.type   'polypeptide(L)'
_entity_poly.pdbx_seq_one_letter_code
;MGSSHHHHHHSSGENLYFQGMTDPAPPPTALAAAKARMRELAASYGAGLPGRDTHSLMHGLDGITLTFMPMGQRDGAYDP
EHHVILINSQVRPERQRFTLAHEISHALLLGDDDLLSDLHDEYEGDRLEQVIETLCNVGAAALLMPAELIDDLLTRFGPT
GRALAELARRADVSATSALYALAERTAPPVIYAVCALSRQEDEGEGGGAKELTVRASSASAGVKYSLSAGTPVPDDHPAA
LALDTRLPLAQDSYVPFRSGRRMPAYVDAFPERQRVLVSFALPAGRSEPDADKPEAPGDQS
;
_entity_poly.pdbx_strand_id   A
#
# COMPACT_ATOMS: atom_id res chain seq x y z
N PRO A 28 16.08 14.22 -8.96
CA PRO A 28 14.68 13.79 -9.11
C PRO A 28 13.96 14.38 -10.33
N THR A 29 13.37 13.52 -11.14
CA THR A 29 12.59 13.93 -12.31
C THR A 29 11.14 14.23 -11.95
N ALA A 30 10.45 14.94 -12.85
CA ALA A 30 9.08 15.41 -12.61
C ALA A 30 8.19 14.41 -11.85
N LEU A 31 8.09 13.18 -12.36
CA LEU A 31 7.23 12.17 -11.73
C LEU A 31 7.68 11.86 -10.31
N ALA A 32 8.99 11.99 -10.06
CA ALA A 32 9.56 11.82 -8.73
C ALA A 32 9.42 13.08 -7.88
N ALA A 33 9.47 14.24 -8.53
CA ALA A 33 9.25 15.52 -7.84
C ALA A 33 7.78 15.70 -7.49
N ALA A 34 6.89 15.35 -8.42
CA ALA A 34 5.44 15.39 -8.17
C ALA A 34 5.05 14.49 -7.00
N LYS A 35 5.48 13.22 -7.06
CA LYS A 35 5.21 12.26 -5.99
C LYS A 35 5.73 12.75 -4.65
N ALA A 36 6.94 13.30 -4.66
CA ALA A 36 7.51 13.87 -3.46
C ALA A 36 6.58 14.96 -2.92
N ARG A 37 6.06 15.77 -3.83
CA ARG A 37 5.17 16.88 -3.47
C ARG A 37 3.88 16.36 -2.89
N MET A 38 3.25 15.46 -3.64
CA MET A 38 2.00 14.85 -3.22
C MET A 38 2.12 14.21 -1.83
N ARG A 39 3.25 13.57 -1.55
CA ARG A 39 3.49 13.04 -0.21
C ARG A 39 3.54 14.16 0.81
N GLU A 40 4.23 15.24 0.45
CA GLU A 40 4.30 16.41 1.33
C GLU A 40 2.89 16.91 1.61
N LEU A 41 2.03 16.86 0.60
CA LEU A 41 0.67 17.34 0.73
C LEU A 41 -0.14 16.42 1.64
N ALA A 42 -0.28 15.16 1.25
CA ALA A 42 -0.97 14.20 2.11
C ALA A 42 -0.44 14.38 3.51
N ALA A 43 0.87 14.51 3.61
CA ALA A 43 1.55 14.67 4.90
C ALA A 43 0.99 15.86 5.69
N SER A 44 0.86 17.00 5.01
CA SER A 44 0.31 18.18 5.64
C SER A 44 -1.14 17.92 6.07
N TYR A 45 -2.06 17.87 5.10
CA TYR A 45 -3.46 17.60 5.40
C TYR A 45 -3.57 16.64 6.56
N GLY A 46 -2.98 15.46 6.38
CA GLY A 46 -3.05 14.40 7.36
C GLY A 46 -2.48 14.81 8.70
N ALA A 47 -1.29 15.41 8.68
CA ALA A 47 -0.61 15.81 9.91
C ALA A 47 -1.57 16.39 10.93
N GLY A 48 -2.41 17.33 10.46
CA GLY A 48 -3.38 17.98 11.33
C GLY A 48 -4.65 17.17 11.53
N LEU A 49 -4.52 15.85 11.56
CA LEU A 49 -5.67 15.01 11.85
C LEU A 49 -5.47 14.21 13.12
N PRO A 50 -6.55 14.05 13.90
CA PRO A 50 -6.54 13.15 15.05
C PRO A 50 -6.59 11.69 14.59
N GLY A 51 -5.62 11.29 13.79
CA GLY A 51 -5.59 9.96 13.20
C GLY A 51 -6.00 9.97 11.74
N ARG A 52 -5.88 8.82 11.10
CA ARG A 52 -6.18 8.66 9.69
C ARG A 52 -7.40 7.79 9.48
N ASP A 53 -8.10 7.48 10.56
CA ASP A 53 -9.35 6.74 10.49
C ASP A 53 -10.27 7.44 9.52
N THR A 54 -11.20 6.69 8.94
CA THR A 54 -12.09 7.23 7.91
C THR A 54 -12.83 8.46 8.40
N HIS A 55 -13.25 8.43 9.66
CA HIS A 55 -14.07 9.51 10.19
C HIS A 55 -13.29 10.82 10.35
N SER A 56 -12.03 10.70 10.77
CA SER A 56 -11.18 11.86 10.98
C SER A 56 -10.69 12.42 9.65
N LEU A 57 -10.54 11.55 8.65
CA LEU A 57 -10.20 11.99 7.31
C LEU A 57 -11.30 12.90 6.78
N MET A 58 -12.54 12.55 7.12
CA MET A 58 -13.71 13.32 6.72
C MET A 58 -13.69 14.71 7.35
N HIS A 59 -13.59 14.77 8.69
CA HIS A 59 -13.58 16.03 9.46
C HIS A 59 -12.57 17.04 8.88
N GLY A 60 -11.45 16.54 8.37
CA GLY A 60 -10.41 17.39 7.80
C GLY A 60 -10.82 18.13 6.54
N LEU A 61 -11.91 17.66 5.92
CA LEU A 61 -12.44 18.28 4.70
C LEU A 61 -12.95 19.69 4.93
N ASP A 62 -12.20 20.68 4.43
CA ASP A 62 -12.54 22.10 4.59
C ASP A 62 -13.88 22.38 3.89
N GLY A 63 -14.96 21.93 4.51
CA GLY A 63 -16.31 22.14 3.99
C GLY A 63 -16.55 21.50 2.63
N ILE A 64 -16.73 20.18 2.63
CA ILE A 64 -17.08 19.45 1.40
C ILE A 64 -18.15 18.41 1.68
N THR A 65 -19.08 18.28 0.75
CA THR A 65 -20.11 17.26 0.82
C THR A 65 -19.55 15.89 0.47
N LEU A 66 -19.38 15.04 1.48
CA LEU A 66 -18.94 13.67 1.27
C LEU A 66 -20.15 12.75 1.27
N THR A 67 -20.53 12.25 0.09
CA THR A 67 -21.73 11.45 -0.05
C THR A 67 -21.40 10.01 -0.42
N PHE A 68 -21.96 9.08 0.34
CA PHE A 68 -21.88 7.67 0.01
C PHE A 68 -23.15 7.28 -0.72
N MET A 69 -22.99 6.52 -1.79
CA MET A 69 -24.10 6.06 -2.62
C MET A 69 -23.57 5.07 -3.65
N PRO A 70 -24.46 4.25 -4.24
CA PRO A 70 -24.08 3.31 -5.30
C PRO A 70 -23.68 4.02 -6.60
N MET A 71 -22.54 3.61 -7.17
CA MET A 71 -21.96 4.27 -8.33
C MET A 71 -21.65 3.24 -9.41
N GLY A 72 -22.54 2.26 -9.54
CA GLY A 72 -22.38 1.16 -10.48
C GLY A 72 -21.10 0.42 -10.22
N GLN A 73 -20.19 0.46 -11.19
CA GLN A 73 -18.88 -0.15 -11.05
C GLN A 73 -17.83 0.96 -11.06
N ARG A 74 -17.92 1.83 -10.05
CA ARG A 74 -17.07 3.01 -9.93
C ARG A 74 -16.85 3.34 -8.45
N ASP A 75 -15.64 3.10 -7.97
CA ASP A 75 -15.32 3.24 -6.54
C ASP A 75 -15.64 4.64 -5.97
N GLY A 76 -15.42 5.68 -6.76
CA GLY A 76 -15.68 7.05 -6.29
C GLY A 76 -15.40 8.13 -7.32
N ALA A 77 -15.63 9.38 -6.92
CA ALA A 77 -15.39 10.55 -7.77
C ALA A 77 -15.24 11.80 -6.94
N TYR A 78 -14.69 12.85 -7.54
CA TYR A 78 -14.56 14.16 -6.89
C TYR A 78 -15.01 15.27 -7.82
N ASP A 79 -16.00 16.05 -7.36
CA ASP A 79 -16.59 17.11 -8.16
C ASP A 79 -16.25 18.47 -7.55
N PRO A 80 -15.21 19.13 -8.08
CA PRO A 80 -14.67 20.38 -7.55
C PRO A 80 -15.50 21.60 -7.93
N GLU A 81 -16.37 21.46 -8.92
CA GLU A 81 -17.31 22.51 -9.25
C GLU A 81 -18.38 22.58 -8.17
N HIS A 82 -19.02 21.44 -7.87
CA HIS A 82 -20.01 21.37 -6.79
C HIS A 82 -19.39 20.98 -5.44
N HIS A 83 -18.06 20.99 -5.35
CA HIS A 83 -17.31 20.72 -4.11
C HIS A 83 -17.86 19.53 -3.32
N VAL A 84 -17.76 18.33 -3.90
CA VAL A 84 -18.32 17.13 -3.29
C VAL A 84 -17.62 15.84 -3.74
N ILE A 85 -17.23 15.02 -2.77
CA ILE A 85 -16.64 13.72 -3.03
C ILE A 85 -17.74 12.68 -2.95
N LEU A 86 -17.75 11.76 -3.91
CA LEU A 86 -18.71 10.68 -3.94
C LEU A 86 -17.96 9.38 -3.78
N ILE A 87 -18.44 8.50 -2.92
CA ILE A 87 -17.77 7.21 -2.69
C ILE A 87 -18.72 6.02 -2.76
N ASN A 88 -18.52 5.18 -3.77
CA ASN A 88 -19.37 4.02 -3.97
C ASN A 88 -19.62 3.30 -2.66
N SER A 89 -20.87 3.29 -2.24
CA SER A 89 -21.25 2.64 -1.00
C SER A 89 -21.35 1.13 -1.19
N GLN A 90 -21.60 0.69 -2.43
CA GLN A 90 -21.67 -0.73 -2.72
C GLN A 90 -20.41 -1.44 -2.27
N VAL A 91 -19.26 -0.91 -2.68
CA VAL A 91 -17.96 -1.58 -2.46
C VAL A 91 -17.65 -1.86 -0.99
N ARG A 92 -16.61 -2.66 -0.80
CA ARG A 92 -16.15 -3.08 0.52
C ARG A 92 -15.41 -1.94 1.25
N PRO A 93 -15.54 -1.87 2.58
CA PRO A 93 -14.84 -0.90 3.42
C PRO A 93 -13.39 -0.66 3.03
N GLU A 94 -12.66 -1.71 2.70
CA GLU A 94 -11.28 -1.58 2.24
C GLU A 94 -11.15 -0.47 1.20
N ARG A 95 -11.69 -0.71 0.01
CA ARG A 95 -11.56 0.20 -1.12
C ARG A 95 -12.29 1.51 -0.87
N GLN A 96 -13.32 1.47 -0.03
CA GLN A 96 -14.09 2.64 0.33
C GLN A 96 -13.19 3.65 1.05
N ARG A 97 -12.54 3.18 2.10
CA ARG A 97 -11.55 3.95 2.83
C ARG A 97 -10.44 4.47 1.92
N PHE A 98 -9.99 3.63 0.99
CA PHE A 98 -8.93 4.03 0.07
C PHE A 98 -9.46 5.04 -0.94
N THR A 99 -10.59 4.73 -1.57
CA THR A 99 -11.20 5.63 -2.54
C THR A 99 -11.40 6.99 -1.91
N LEU A 100 -11.61 7.02 -0.60
CA LEU A 100 -11.69 8.28 0.12
C LEU A 100 -10.31 8.96 0.14
N ALA A 101 -9.32 8.27 0.70
CA ALA A 101 -7.95 8.77 0.74
C ALA A 101 -7.51 9.23 -0.64
N HIS A 102 -7.94 8.48 -1.64
CA HIS A 102 -7.63 8.78 -3.03
C HIS A 102 -8.23 10.09 -3.52
N GLU A 103 -9.48 10.36 -3.13
CA GLU A 103 -10.18 11.55 -3.60
C GLU A 103 -9.86 12.80 -2.80
N ILE A 104 -9.49 12.62 -1.54
CA ILE A 104 -8.92 13.73 -0.78
C ILE A 104 -7.64 14.16 -1.50
N SER A 105 -6.76 13.21 -1.79
CA SER A 105 -5.51 13.50 -2.52
C SER A 105 -5.77 14.27 -3.80
N HIS A 106 -6.83 13.88 -4.51
CA HIS A 106 -7.18 14.54 -5.75
C HIS A 106 -7.56 15.99 -5.49
N ALA A 107 -8.27 16.24 -4.39
CA ALA A 107 -8.65 17.59 -4.02
C ALA A 107 -7.43 18.49 -3.72
N LEU A 108 -6.42 17.96 -3.04
CA LEU A 108 -5.22 18.73 -2.71
C LEU A 108 -4.37 19.05 -3.96
N LEU A 109 -4.36 18.13 -4.92
CA LEU A 109 -3.61 18.36 -6.14
C LEU A 109 -4.19 19.54 -6.87
N LEU A 110 -5.51 19.56 -7.01
CA LEU A 110 -6.19 20.69 -7.63
C LEU A 110 -6.02 21.95 -6.78
N GLY A 111 -5.80 21.76 -5.48
CA GLY A 111 -5.50 22.86 -4.57
C GLY A 111 -4.14 23.48 -4.84
N ASP A 112 -3.12 22.65 -5.07
CA ASP A 112 -1.77 23.14 -5.33
C ASP A 112 -1.65 23.56 -6.78
N ASP A 113 -1.54 24.86 -7.03
CA ASP A 113 -1.48 25.37 -8.39
C ASP A 113 -0.13 25.08 -9.05
N ASP A 114 0.93 24.98 -8.25
CA ASP A 114 2.25 24.59 -8.76
C ASP A 114 2.26 23.15 -9.24
N LEU A 115 2.10 22.22 -8.30
CA LEU A 115 2.04 20.81 -8.64
C LEU A 115 1.01 20.62 -9.75
N LEU A 116 -0.06 21.39 -9.70
CA LEU A 116 -1.07 21.32 -10.74
C LEU A 116 -0.51 21.92 -12.02
N SER A 117 0.12 23.08 -11.92
CA SER A 117 0.67 23.75 -13.09
C SER A 117 1.89 23.03 -13.65
N ASP A 118 2.93 22.86 -12.84
CA ASP A 118 4.11 22.14 -13.31
C ASP A 118 3.69 20.89 -14.09
N LEU A 119 2.70 20.17 -13.57
CA LEU A 119 2.17 18.97 -14.22
C LEU A 119 1.63 19.24 -15.61
N HIS A 120 0.86 20.32 -15.75
CA HIS A 120 0.22 20.68 -17.03
C HIS A 120 1.22 21.02 -18.13
N ASP A 121 2.47 21.24 -17.73
CA ASP A 121 3.55 21.57 -18.65
C ASP A 121 4.64 20.50 -18.58
N GLU A 122 4.25 19.28 -18.93
CA GLU A 122 5.12 18.11 -18.84
C GLU A 122 4.31 16.91 -19.33
N TYR A 123 3.00 16.98 -19.15
CA TYR A 123 2.06 16.00 -19.66
C TYR A 123 0.88 16.72 -20.30
N GLU A 124 0.18 16.02 -21.17
CA GLU A 124 -1.04 16.56 -21.75
C GLU A 124 -1.99 15.42 -22.08
N GLY A 125 -3.29 15.73 -22.13
CA GLY A 125 -4.33 14.74 -22.42
C GLY A 125 -4.37 13.62 -21.40
N ASP A 126 -4.69 12.41 -21.87
CA ASP A 126 -4.73 11.22 -21.01
C ASP A 126 -3.40 11.05 -20.27
N ARG A 127 -2.31 11.44 -20.91
CA ARG A 127 -0.98 11.34 -20.34
C ARG A 127 -0.87 11.99 -18.96
N LEU A 128 -1.45 13.18 -18.82
CA LEU A 128 -1.53 13.85 -17.52
C LEU A 128 -2.60 13.18 -16.66
N GLU A 129 -3.71 12.79 -17.30
CA GLU A 129 -4.80 12.14 -16.59
C GLU A 129 -4.27 10.90 -15.86
N GLN A 130 -3.49 10.08 -16.55
CA GLN A 130 -2.87 8.90 -15.92
C GLN A 130 -1.93 9.33 -14.80
N VAL A 131 -1.19 10.42 -15.02
CA VAL A 131 -0.24 10.90 -14.02
C VAL A 131 -0.94 11.33 -12.74
N ILE A 132 -2.13 11.92 -12.88
CA ILE A 132 -2.85 12.43 -11.71
C ILE A 132 -3.56 11.33 -10.92
N GLU A 133 -4.07 10.31 -11.60
CA GLU A 133 -4.64 9.15 -10.92
C GLU A 133 -3.54 8.32 -10.28
N THR A 134 -2.29 8.52 -10.74
CA THR A 134 -1.13 7.90 -10.09
C THR A 134 -0.72 8.65 -8.84
N LEU A 135 -0.73 9.98 -8.94
CA LEU A 135 -0.41 10.82 -7.80
C LEU A 135 -1.49 10.78 -6.73
N CYS A 136 -2.70 10.34 -7.10
CA CYS A 136 -3.77 10.15 -6.12
C CYS A 136 -3.52 8.93 -5.28
N ASN A 137 -2.85 7.96 -5.87
CA ASN A 137 -2.53 6.75 -5.15
C ASN A 137 -1.31 6.94 -4.30
N VAL A 138 -0.31 7.64 -4.82
CA VAL A 138 0.85 7.97 -4.01
C VAL A 138 0.36 8.65 -2.75
N GLY A 139 -0.57 9.59 -2.92
CA GLY A 139 -1.08 10.37 -1.81
C GLY A 139 -2.00 9.58 -0.92
N ALA A 140 -2.80 8.71 -1.51
CA ALA A 140 -3.66 7.85 -0.74
C ALA A 140 -2.83 7.17 0.36
N ALA A 141 -1.76 6.52 -0.07
CA ALA A 141 -0.83 5.84 0.83
C ALA A 141 -0.19 6.77 1.87
N ALA A 142 0.24 7.94 1.45
CA ALA A 142 0.84 8.91 2.37
C ALA A 142 -0.13 9.24 3.48
N LEU A 143 -1.40 9.31 3.11
CA LEU A 143 -2.46 9.65 4.06
C LEU A 143 -2.70 8.51 5.03
N LEU A 144 -2.92 7.30 4.50
CA LEU A 144 -3.36 6.18 5.32
C LEU A 144 -2.23 5.52 6.10
N MET A 145 -0.99 5.75 5.65
CA MET A 145 0.15 5.06 6.22
C MET A 145 1.28 6.07 6.45
N PRO A 146 1.14 6.87 7.52
CA PRO A 146 2.14 7.86 7.91
C PRO A 146 3.53 7.25 7.93
N ALA A 147 4.52 8.00 7.44
CA ALA A 147 5.91 7.56 7.52
C ALA A 147 6.17 7.08 8.95
N GLU A 148 5.83 7.92 9.93
CA GLU A 148 5.99 7.59 11.33
C GLU A 148 5.59 6.13 11.60
N LEU A 149 4.29 5.87 11.55
CA LEU A 149 3.72 4.53 11.77
C LEU A 149 4.54 3.39 11.16
N ILE A 150 4.95 3.56 9.91
CA ILE A 150 5.74 2.54 9.23
C ILE A 150 7.02 2.29 10.03
N ASP A 151 7.64 3.38 10.47
CA ASP A 151 8.94 3.32 11.13
C ASP A 151 8.79 2.84 12.57
N ASP A 152 7.77 3.37 13.25
CA ASP A 152 7.40 2.90 14.57
C ASP A 152 7.28 1.38 14.56
N LEU A 153 6.61 0.85 13.53
CA LEU A 153 6.47 -0.60 13.38
C LEU A 153 7.76 -1.24 12.85
N LEU A 154 8.40 -0.61 11.87
CA LEU A 154 9.70 -1.07 11.38
C LEU A 154 10.75 -1.08 12.49
N THR A 155 10.54 -0.28 13.52
CA THR A 155 11.45 -0.25 14.65
C THR A 155 11.10 -1.35 15.64
N ARG A 156 9.90 -1.33 16.19
CA ARG A 156 9.48 -2.38 17.13
C ARG A 156 9.64 -3.80 16.55
N PHE A 157 9.19 -4.00 15.31
CA PHE A 157 9.14 -5.35 14.74
C PHE A 157 10.13 -5.58 13.61
N GLY A 158 10.90 -4.57 13.23
CA GLY A 158 11.89 -4.74 12.17
C GLY A 158 11.24 -5.02 10.83
N PRO A 159 12.06 -5.32 9.80
CA PRO A 159 11.50 -5.66 8.50
C PRO A 159 11.09 -7.12 8.47
N THR A 160 9.82 -7.39 8.76
CA THR A 160 9.32 -8.75 8.82
C THR A 160 7.92 -8.91 8.24
N GLY A 161 7.52 -10.17 8.04
CA GLY A 161 6.16 -10.47 7.62
C GLY A 161 5.15 -10.03 8.65
N ARG A 162 5.61 -9.68 9.85
CA ARG A 162 4.70 -9.21 10.89
C ARG A 162 4.64 -7.67 10.95
N ALA A 163 5.76 -7.02 10.65
CA ALA A 163 5.78 -5.56 10.53
C ALA A 163 4.72 -5.18 9.51
N LEU A 164 4.55 -6.06 8.52
CA LEU A 164 3.58 -5.89 7.45
C LEU A 164 2.18 -6.24 7.93
N ALA A 165 2.06 -7.30 8.71
CA ALA A 165 0.76 -7.68 9.24
C ALA A 165 0.24 -6.60 10.16
N GLU A 166 1.14 -5.93 10.87
CA GLU A 166 0.75 -4.93 11.85
C GLU A 166 0.39 -3.60 11.19
N LEU A 167 1.20 -3.18 10.22
CA LEU A 167 0.94 -1.94 9.50
C LEU A 167 -0.36 -2.03 8.71
N ALA A 168 -0.63 -3.20 8.14
CA ALA A 168 -1.83 -3.41 7.33
C ALA A 168 -3.10 -3.39 8.18
N ARG A 169 -3.06 -4.10 9.30
CA ARG A 169 -4.16 -4.10 10.27
C ARG A 169 -4.27 -2.78 11.04
N ARG A 170 -3.14 -2.07 11.19
CA ARG A 170 -3.12 -0.85 11.99
C ARG A 170 -3.46 0.43 11.20
N ALA A 171 -2.98 0.54 9.96
CA ALA A 171 -3.36 1.67 9.12
C ALA A 171 -4.74 1.42 8.54
N ASP A 172 -5.18 0.16 8.64
CA ASP A 172 -6.48 -0.26 8.14
C ASP A 172 -6.52 -0.15 6.62
N VAL A 173 -5.60 -0.87 5.98
CA VAL A 173 -5.58 -0.98 4.53
C VAL A 173 -5.09 -2.39 4.16
N SER A 174 -5.09 -2.69 2.87
CA SER A 174 -4.83 -4.05 2.42
C SER A 174 -3.36 -4.40 2.59
N ALA A 175 -3.07 -5.71 2.53
CA ALA A 175 -1.69 -6.17 2.57
C ALA A 175 -0.94 -5.65 1.35
N THR A 176 -1.61 -5.58 0.21
CA THR A 176 -0.99 -5.07 -1.03
C THR A 176 -0.73 -3.58 -0.91
N SER A 177 -1.69 -2.87 -0.34
CA SER A 177 -1.58 -1.44 -0.10
C SER A 177 -0.44 -1.14 0.89
N ALA A 178 -0.26 -2.03 1.86
CA ALA A 178 0.75 -1.85 2.90
C ALA A 178 2.04 -2.55 2.51
N LEU A 179 1.99 -3.31 1.43
CA LEU A 179 3.14 -4.06 0.96
C LEU A 179 4.16 -3.10 0.35
N TYR A 180 3.66 -2.10 -0.37
CA TYR A 180 4.49 -1.15 -1.10
C TYR A 180 4.97 -0.04 -0.19
N ALA A 181 4.11 0.37 0.74
CA ALA A 181 4.44 1.40 1.70
C ALA A 181 5.58 0.96 2.60
N LEU A 182 5.51 -0.27 3.10
CA LEU A 182 6.51 -0.79 4.03
C LEU A 182 7.87 -1.04 3.34
N ALA A 183 7.83 -1.55 2.11
CA ALA A 183 9.07 -1.83 1.38
C ALA A 183 9.77 -0.54 0.95
N GLU A 184 9.07 0.59 1.08
CA GLU A 184 9.58 1.86 0.61
C GLU A 184 10.28 2.62 1.73
N ARG A 185 10.19 2.07 2.93
CA ARG A 185 10.87 2.62 4.09
C ARG A 185 11.96 1.67 4.55
N THR A 186 11.98 0.47 4.00
CA THR A 186 12.94 -0.54 4.39
C THR A 186 14.25 -0.29 3.67
N ALA A 187 15.34 -0.22 4.44
CA ALA A 187 16.69 0.05 3.93
C ALA A 187 17.41 -1.23 3.50
N PRO A 188 17.69 -2.13 4.47
CA PRO A 188 18.39 -3.40 4.19
C PRO A 188 17.63 -4.26 3.18
N PRO A 189 18.32 -4.73 2.13
CA PRO A 189 17.65 -5.54 1.11
C PRO A 189 16.67 -6.53 1.72
N VAL A 190 15.42 -6.42 1.30
CA VAL A 190 14.34 -7.28 1.78
C VAL A 190 13.33 -7.43 0.65
N ILE A 191 12.52 -8.48 0.72
CA ILE A 191 11.47 -8.71 -0.26
C ILE A 191 10.20 -9.11 0.45
N TYR A 192 9.18 -8.27 0.35
CA TYR A 192 7.92 -8.57 0.98
C TYR A 192 7.01 -9.30 -0.01
N ALA A 193 5.96 -9.93 0.51
CA ALA A 193 4.98 -10.61 -0.34
C ALA A 193 3.80 -11.04 0.53
N VAL A 194 2.60 -10.85 0.01
CA VAL A 194 1.39 -11.30 0.70
C VAL A 194 0.91 -12.55 -0.01
N CYS A 195 0.52 -13.57 0.74
CA CYS A 195 0.22 -14.87 0.16
C CYS A 195 -1.17 -15.43 0.46
N ALA A 196 -1.60 -16.33 -0.42
CA ALA A 196 -2.88 -17.01 -0.29
C ALA A 196 -2.75 -18.42 -0.83
N LEU A 197 -3.70 -19.28 -0.46
CA LEU A 197 -3.69 -20.68 -0.87
C LEU A 197 -3.88 -20.86 -2.38
N SER A 198 -3.57 -22.06 -2.86
CA SER A 198 -3.94 -22.50 -4.20
C SER A 198 -5.40 -22.95 -4.18
N ARG A 199 -5.71 -23.79 -3.18
CA ARG A 199 -7.03 -24.39 -3.01
C ARG A 199 -7.93 -23.51 -2.14
N ALA A 209 1.93 -29.20 5.18
CA ALA A 209 1.37 -27.89 4.85
C ALA A 209 0.43 -28.01 3.65
N LYS A 210 -0.18 -26.89 3.27
CA LYS A 210 -0.96 -26.81 2.04
C LYS A 210 -0.19 -25.93 1.04
N GLU A 211 -0.63 -25.92 -0.21
CA GLU A 211 0.09 -25.22 -1.29
C GLU A 211 -0.49 -23.82 -1.57
N LEU A 212 0.35 -22.79 -1.41
CA LEU A 212 -0.07 -21.38 -1.56
C LEU A 212 0.60 -20.72 -2.78
N THR A 213 0.21 -19.48 -3.06
CA THR A 213 0.71 -18.77 -4.22
C THR A 213 1.02 -17.31 -3.90
N VAL A 214 2.09 -16.77 -4.48
CA VAL A 214 2.44 -15.36 -4.32
C VAL A 214 1.41 -14.49 -5.01
N ARG A 215 0.90 -13.49 -4.29
CA ARG A 215 -0.11 -12.61 -4.85
C ARG A 215 0.44 -11.21 -5.11
N ALA A 216 1.08 -10.64 -4.08
CA ALA A 216 1.72 -9.34 -4.21
C ALA A 216 3.17 -9.47 -3.75
N SER A 217 3.99 -8.46 -4.05
CA SER A 217 5.42 -8.55 -3.79
C SER A 217 6.09 -7.19 -3.85
N SER A 218 7.10 -6.97 -3.01
CA SER A 218 7.76 -5.67 -2.89
C SER A 218 9.23 -5.78 -2.52
N ALA A 219 10.08 -5.03 -3.22
CA ALA A 219 11.53 -5.07 -3.02
C ALA A 219 12.05 -3.85 -2.27
N SER A 220 12.91 -4.08 -1.30
CA SER A 220 13.51 -3.00 -0.55
C SER A 220 14.38 -2.18 -1.47
N ALA A 221 14.97 -1.13 -0.92
CA ALA A 221 15.85 -0.24 -1.68
C ALA A 221 16.89 -1.02 -2.49
N GLY A 222 17.69 -1.83 -1.79
CA GLY A 222 18.84 -2.49 -2.41
C GLY A 222 18.43 -3.55 -3.45
N VAL A 223 17.39 -4.30 -3.14
CA VAL A 223 17.08 -5.51 -3.89
C VAL A 223 16.85 -5.25 -5.38
N LYS A 224 17.38 -6.18 -6.19
CA LYS A 224 17.07 -6.23 -7.63
C LYS A 224 16.44 -7.58 -8.03
N TYR A 225 16.41 -8.54 -7.11
CA TYR A 225 15.67 -9.81 -7.32
C TYR A 225 14.16 -9.56 -7.24
N SER A 226 13.40 -10.15 -8.15
CA SER A 226 11.95 -9.88 -8.27
C SER A 226 11.10 -11.13 -8.05
N LEU A 227 10.13 -11.05 -7.14
CA LEU A 227 9.25 -12.18 -6.83
C LEU A 227 7.81 -11.92 -7.30
N SER A 228 7.49 -12.36 -8.52
CA SER A 228 6.22 -12.01 -9.16
C SER A 228 5.01 -12.88 -8.74
N ALA A 229 3.82 -12.33 -8.94
CA ALA A 229 2.58 -13.03 -8.59
C ALA A 229 2.41 -14.27 -9.46
N GLY A 230 1.75 -15.28 -8.91
CA GLY A 230 1.61 -16.55 -9.61
C GLY A 230 2.66 -17.52 -9.11
N THR A 231 3.82 -17.00 -8.75
CA THR A 231 4.84 -17.82 -8.12
C THR A 231 4.23 -18.62 -6.99
N PRO A 232 4.44 -19.96 -7.01
CA PRO A 232 3.88 -20.89 -6.03
C PRO A 232 4.74 -21.07 -4.78
N VAL A 233 4.12 -21.56 -3.71
CA VAL A 233 4.81 -21.73 -2.45
C VAL A 233 4.93 -23.21 -2.05
N PRO A 234 6.14 -23.79 -2.20
CA PRO A 234 6.39 -25.16 -1.78
C PRO A 234 5.76 -25.47 -0.42
N ASP A 235 5.25 -26.69 -0.25
CA ASP A 235 4.59 -27.10 1.00
C ASP A 235 5.55 -27.15 2.20
N ASP A 236 6.84 -27.37 1.94
CA ASP A 236 7.85 -27.46 3.00
C ASP A 236 8.35 -26.09 3.46
N HIS A 237 8.04 -25.05 2.68
CA HIS A 237 8.49 -23.69 2.98
C HIS A 237 7.83 -23.12 4.24
N PRO A 238 8.65 -22.52 5.13
CA PRO A 238 8.16 -21.99 6.41
C PRO A 238 6.80 -21.34 6.31
N ALA A 239 6.65 -20.50 5.28
CA ALA A 239 5.43 -19.73 5.09
C ALA A 239 4.19 -20.61 4.99
N ALA A 240 4.29 -21.72 4.27
CA ALA A 240 3.18 -22.65 4.12
C ALA A 240 2.84 -23.18 5.50
N LEU A 241 3.84 -23.78 6.13
CA LEU A 241 3.71 -24.29 7.49
C LEU A 241 3.01 -23.24 8.34
N ALA A 242 3.52 -22.02 8.29
CA ALA A 242 2.97 -20.90 9.04
C ALA A 242 1.46 -20.78 8.90
N LEU A 243 1.00 -20.57 7.66
CA LEU A 243 -0.44 -20.38 7.37
C LEU A 243 -1.25 -21.64 7.66
N ASP A 244 -0.63 -22.79 7.41
CA ASP A 244 -1.23 -24.07 7.77
C ASP A 244 -1.39 -24.16 9.29
N THR A 245 -0.27 -24.11 10.02
CA THR A 245 -0.30 -24.21 11.48
C THR A 245 -0.96 -23.00 12.14
N ARG A 246 -1.52 -22.11 11.32
CA ARG A 246 -2.18 -20.91 11.81
C ARG A 246 -1.36 -20.32 12.97
N LEU A 247 -0.05 -20.28 12.77
CA LEU A 247 0.90 -19.93 13.83
C LEU A 247 2.10 -19.21 13.23
N PRO A 248 2.46 -18.03 13.76
CA PRO A 248 3.64 -17.28 13.31
C PRO A 248 4.89 -18.13 13.25
N LEU A 249 5.91 -17.64 12.55
CA LEU A 249 7.17 -18.37 12.40
C LEU A 249 8.30 -17.37 12.26
N ALA A 250 9.47 -17.85 11.85
CA ALA A 250 10.62 -17.00 11.57
C ALA A 250 11.87 -17.86 11.62
N GLN A 251 12.55 -18.00 10.48
CA GLN A 251 13.76 -18.80 10.44
C GLN A 251 14.48 -18.63 9.11
N ASP A 252 15.78 -18.92 9.09
CA ASP A 252 16.52 -18.89 7.86
C ASP A 252 15.80 -19.80 6.88
N SER A 253 15.74 -19.40 5.62
CA SER A 253 15.05 -20.17 4.59
C SER A 253 15.47 -19.65 3.23
N TYR A 254 14.53 -19.57 2.29
CA TYR A 254 14.84 -19.15 0.92
C TYR A 254 13.67 -18.47 0.24
N VAL A 255 14.00 -17.69 -0.80
CA VAL A 255 13.02 -17.05 -1.66
C VAL A 255 12.71 -17.98 -2.82
N PRO A 256 11.49 -18.52 -2.85
CA PRO A 256 11.11 -19.59 -3.76
C PRO A 256 10.85 -19.05 -5.15
N PHE A 257 11.90 -18.60 -5.81
CA PHE A 257 11.74 -17.95 -7.10
C PHE A 257 11.04 -18.85 -8.11
N ARG A 258 9.81 -18.47 -8.43
CA ARG A 258 9.02 -19.10 -9.48
C ARG A 258 9.90 -19.82 -10.50
N SER A 259 10.84 -19.09 -11.09
CA SER A 259 11.79 -19.65 -12.03
C SER A 259 12.17 -21.07 -11.60
N GLY A 260 12.94 -21.17 -10.52
CA GLY A 260 13.36 -22.48 -10.00
C GLY A 260 14.39 -22.40 -8.88
N ARG A 261 15.16 -21.32 -8.86
CA ARG A 261 16.23 -21.16 -7.91
C ARG A 261 15.75 -20.78 -6.49
N ARG A 262 16.27 -21.52 -5.51
CA ARG A 262 15.98 -21.29 -4.09
C ARG A 262 17.06 -20.41 -3.47
N MET A 263 16.86 -19.09 -3.46
CA MET A 263 17.83 -18.19 -2.85
C MET A 263 17.58 -18.04 -1.36
N PRO A 264 18.61 -18.31 -0.52
CA PRO A 264 18.47 -18.22 0.94
C PRO A 264 18.27 -16.79 1.46
N ALA A 265 17.56 -16.68 2.58
CA ALA A 265 17.31 -15.40 3.22
C ALA A 265 16.37 -15.62 4.41
N TYR A 266 16.46 -14.74 5.41
CA TYR A 266 15.69 -14.93 6.63
C TYR A 266 14.23 -14.57 6.43
N VAL A 267 13.38 -15.58 6.49
CA VAL A 267 11.95 -15.42 6.33
C VAL A 267 11.31 -15.18 7.68
N ASP A 268 10.25 -14.35 7.67
CA ASP A 268 9.36 -14.22 8.82
C ASP A 268 7.92 -14.28 8.30
N ALA A 269 7.28 -15.41 8.52
CA ALA A 269 5.92 -15.63 8.03
C ALA A 269 4.91 -15.27 9.11
N PHE A 270 4.00 -14.35 8.80
CA PHE A 270 2.91 -14.06 9.71
C PHE A 270 1.55 -14.39 9.09
N PRO A 271 0.98 -15.54 9.49
CA PRO A 271 -0.32 -16.00 9.03
C PRO A 271 -1.49 -15.31 9.72
N GLU A 272 -2.66 -15.38 9.10
CA GLU A 272 -3.88 -14.81 9.65
C GLU A 272 -5.13 -15.29 8.87
N ARG A 273 -6.00 -14.37 8.44
CA ARG A 273 -7.25 -14.76 7.77
C ARG A 273 -6.99 -15.46 6.42
N GLN A 274 -6.08 -16.43 6.44
CA GLN A 274 -5.71 -17.19 5.23
C GLN A 274 -4.72 -16.46 4.30
N ARG A 275 -4.16 -15.35 4.78
CA ARG A 275 -3.06 -14.68 4.09
C ARG A 275 -1.79 -14.89 4.91
N VAL A 276 -0.69 -15.26 4.25
CA VAL A 276 0.60 -15.36 4.95
C VAL A 276 1.51 -14.21 4.53
N LEU A 277 1.51 -13.15 5.35
CA LEU A 277 2.36 -12.00 5.09
C LEU A 277 3.78 -12.40 5.45
N VAL A 278 4.73 -12.14 4.55
CA VAL A 278 6.06 -12.72 4.67
C VAL A 278 7.16 -11.76 4.21
N SER A 279 8.32 -11.83 4.86
CA SER A 279 9.48 -11.02 4.48
C SER A 279 10.62 -11.91 4.04
N PHE A 280 11.46 -11.41 3.13
CA PHE A 280 12.60 -12.19 2.60
C PHE A 280 13.88 -11.35 2.63
N ALA A 281 14.45 -11.16 3.81
CA ALA A 281 15.64 -10.31 3.96
C ALA A 281 16.83 -10.91 3.25
N LEU A 282 17.04 -10.55 1.99
CA LEU A 282 18.17 -11.06 1.24
C LEU A 282 19.46 -10.53 1.84
N PRO A 283 20.44 -11.41 2.12
CA PRO A 283 21.61 -11.04 2.94
C PRO A 283 22.60 -10.09 2.23
#